data_8OKF
#
_entry.id   8OKF
#
_cell.length_a   78.152
_cell.length_b   78.152
_cell.length_c   101.748
_cell.angle_alpha   90.00
_cell.angle_beta   90.00
_cell.angle_gamma   90.00
#
_symmetry.space_group_name_H-M   'P 42 21 2'
#
loop_
_entity.id
_entity.type
_entity.pdbx_description
1 polymer 'Glutathione S-transferase class-mu 26 kDa isozyme,WD repeat domain 5'
2 polymer 'PER2 peptide'
3 non-polymer TRIS-HYDROXYMETHYL-METHYL-AMMONIUM
4 non-polymer 'CHLORIDE ION'
5 non-polymer 'PENTAETHYLENE GLYCOL'
6 water water
#
loop_
_entity_poly.entity_id
_entity_poly.type
_entity_poly.pdbx_seq_one_letter_code
_entity_poly.pdbx_strand_id
1 'polypeptide(L)'
;MKHHHHHHNTSSNSMSPILGYWKIKGLVQPTRLLLEYLEEKYEEHLYERDEGDKWRNKKFELGLEFPNLPYYIDGDVKLT
QSMAIIRYIADKHNMLGGCPKERAEISMLEGAVLDIRYGVSRIAYSKDFETLKVDFLSKLPEMLKMFEDRLCHKTYLNGD
HVTHPDFMLYDALDVVLYMDPMCLDAFPKLVCFKKRIEAIPQIDKYLKSSKYIAWPLQGWQATFGGGDHPPKSDLEVLFQ
GPSATQSKPTPVKPNYALKFTLAGHTKAVSSVKFSPNGEWLASSSADKLIKIWGAYDGKFEKTISGHKLGISDVAWSSDS
NLLVSASDDKTLKIWDVSSGKCLKTLKGHSNYVFCCNFNPQSNLIVSGSFDESVRIWDVKTGKCLKTLPAHSDPVSAVHF
NRDGSLIVSSSYDGLCRIWDTASGQCLKTLIDDDNPPVSFVKFSPNGKYILAATLDNTLKLWDYSKGKCLKTYTGHKNEK
YCIFANFSVTGGKWIVSGSEDNLVYIWNLQTKEIVQKLQGHTDVVISTACHPTENIIASAALENDKTIKLWKSDC
;
A
2 'polypeptide(L)' YTGGLPTAIDVTGCV B
#
loop_
_chem_comp.id
_chem_comp.type
_chem_comp.name
_chem_comp.formula
144 non-polymer TRIS-HYDROXYMETHYL-METHYL-AMMONIUM 'C4 H12 N O3 1'
1PE non-polymer 'PENTAETHYLENE GLYCOL' 'C10 H22 O6'
CL non-polymer 'CHLORIDE ION' 'Cl -1'
#
# COMPACT_ATOMS: atom_id res chain seq x y z
N PRO A 251 -24.08 -3.10 -10.79
CA PRO A 251 -23.89 -2.05 -9.73
C PRO A 251 -23.17 -0.86 -10.38
N VAL A 252 -23.81 0.29 -10.57
CA VAL A 252 -23.20 1.49 -11.21
C VAL A 252 -22.55 2.40 -10.14
N LYS A 253 -22.97 2.30 -8.89
CA LYS A 253 -22.48 3.19 -7.82
C LYS A 253 -22.53 2.41 -6.52
N PRO A 254 -21.49 2.52 -5.67
CA PRO A 254 -21.55 1.96 -4.32
C PRO A 254 -22.26 2.94 -3.40
N ASN A 255 -22.46 2.53 -2.15
CA ASN A 255 -23.12 3.39 -1.14
C ASN A 255 -22.30 3.31 0.15
N TYR A 256 -20.99 3.49 0.05
CA TYR A 256 -20.11 3.60 1.24
C TYR A 256 -20.64 4.69 2.19
N ALA A 257 -20.75 4.31 3.47
CA ALA A 257 -21.17 5.17 4.58
C ALA A 257 -20.16 4.97 5.73
N LEU A 258 -19.84 6.01 6.47
CA LEU A 258 -18.88 5.89 7.60
C LEU A 258 -19.50 5.04 8.70
N LYS A 259 -18.80 4.01 9.16
CA LYS A 259 -19.27 3.10 10.23
C LYS A 259 -18.47 3.34 11.50
N PHE A 260 -17.13 3.50 11.44
CA PHE A 260 -16.29 3.55 12.65
C PHE A 260 -15.14 4.51 12.40
N THR A 261 -14.72 5.20 13.47
CA THR A 261 -13.50 6.05 13.50
C THR A 261 -12.55 5.46 14.54
N LEU A 262 -11.33 5.16 14.10
CA LEU A 262 -10.27 4.52 14.91
C LEU A 262 -9.29 5.63 15.31
N ALA A 263 -9.47 6.13 16.52
CA ALA A 263 -8.69 7.27 17.06
C ALA A 263 -7.68 6.73 18.06
N GLY A 264 -6.53 7.37 18.18
CA GLY A 264 -5.56 6.98 19.23
C GLY A 264 -4.16 7.36 18.84
N HIS A 265 -3.81 7.29 17.55
CA HIS A 265 -2.48 7.75 17.10
C HIS A 265 -2.33 9.24 17.45
N THR A 266 -1.14 9.65 17.86
CA THR A 266 -0.90 11.04 18.35
C THR A 266 -0.20 11.89 17.28
N LYS A 267 0.07 11.32 16.11
CA LYS A 267 0.60 12.06 14.95
C LYS A 267 -0.04 11.49 13.69
N ALA A 268 0.34 12.04 12.53
CA ALA A 268 -0.08 11.56 11.19
C ALA A 268 -0.11 10.03 11.17
N VAL A 269 -1.19 9.46 10.65
CA VAL A 269 -1.24 8.02 10.27
C VAL A 269 -0.60 7.90 8.87
N SER A 270 0.21 6.86 8.65
CA SER A 270 0.97 6.68 7.40
C SER A 270 0.41 5.54 6.55
N SER A 271 -0.13 4.49 7.16
CA SER A 271 -0.62 3.32 6.38
C SER A 271 -1.69 2.60 7.17
N VAL A 272 -2.61 1.97 6.45
CA VAL A 272 -3.61 1.03 7.03
C VAL A 272 -3.66 -0.19 6.13
N LYS A 273 -3.66 -1.39 6.73
CA LYS A 273 -3.74 -2.64 5.94
C LYS A 273 -4.65 -3.62 6.64
N PHE A 274 -5.55 -4.24 5.90
CA PHE A 274 -6.37 -5.35 6.45
C PHE A 274 -5.51 -6.61 6.49
N SER A 275 -5.68 -7.41 7.51
CA SER A 275 -5.08 -8.77 7.51
C SER A 275 -5.74 -9.56 6.38
N PRO A 276 -4.97 -10.42 5.70
CA PRO A 276 -5.54 -11.25 4.63
C PRO A 276 -6.74 -12.10 5.04
N ASN A 277 -6.88 -12.44 6.33
CA ASN A 277 -8.01 -13.27 6.82
C ASN A 277 -9.22 -12.40 7.20
N GLY A 278 -9.12 -11.08 7.03
CA GLY A 278 -10.23 -10.12 7.15
C GLY A 278 -10.49 -9.72 8.60
N GLU A 279 -9.77 -10.28 9.58
CA GLU A 279 -10.13 -10.14 11.00
C GLU A 279 -9.61 -8.82 11.57
N TRP A 280 -8.47 -8.33 11.05
CA TRP A 280 -7.73 -7.21 11.71
C TRP A 280 -7.42 -6.09 10.71
N LEU A 281 -7.17 -4.91 11.26
CA LEU A 281 -6.52 -3.82 10.52
C LEU A 281 -5.26 -3.46 11.29
N ALA A 282 -4.16 -3.17 10.58
CA ALA A 282 -2.91 -2.63 11.18
C ALA A 282 -2.71 -1.22 10.66
N SER A 283 -2.34 -0.30 11.56
CA SER A 283 -2.03 1.10 11.24
C SER A 283 -0.59 1.43 11.68
N SER A 284 0.06 2.31 10.95
CA SER A 284 1.40 2.84 11.30
C SER A 284 1.24 4.34 11.39
N SER A 285 2.15 4.99 12.12
CA SER A 285 2.08 6.45 12.32
C SER A 285 3.46 7.07 12.53
N ALA A 286 3.57 8.37 12.30
CA ALA A 286 4.71 9.21 12.69
C ALA A 286 4.91 9.15 14.21
N ASP A 287 3.95 8.65 14.97
CA ASP A 287 4.07 8.54 16.45
C ASP A 287 4.96 7.35 16.85
N LYS A 288 5.54 6.60 15.90
CA LYS A 288 6.50 5.49 16.14
C LYS A 288 5.75 4.20 16.48
N LEU A 289 4.42 4.24 16.44
CA LEU A 289 3.58 3.08 16.84
C LEU A 289 2.88 2.38 15.67
N ILE A 290 2.71 1.07 15.86
CA ILE A 290 1.74 0.23 15.15
C ILE A 290 0.57 0.04 16.09
N LYS A 291 -0.62 0.12 15.51
CA LYS A 291 -1.84 -0.24 16.25
C LYS A 291 -2.62 -1.29 15.49
N ILE A 292 -3.21 -2.19 16.25
CA ILE A 292 -4.03 -3.30 15.70
C ILE A 292 -5.46 -3.04 16.12
N TRP A 293 -6.40 -3.26 15.23
CA TRP A 293 -7.84 -2.96 15.42
C TRP A 293 -8.68 -4.08 14.84
N GLY A 294 -9.88 -4.28 15.38
CA GLY A 294 -10.86 -5.19 14.77
C GLY A 294 -11.35 -4.61 13.46
N ALA A 295 -11.32 -5.40 12.39
CA ALA A 295 -11.73 -4.99 11.03
C ALA A 295 -13.23 -4.71 11.01
N TYR A 296 -14.03 -5.40 11.82
CA TYR A 296 -15.50 -5.37 11.67
C TYR A 296 -16.15 -4.38 12.65
N ASP A 297 -15.55 -4.15 13.83
CA ASP A 297 -16.11 -3.29 14.92
C ASP A 297 -15.22 -2.06 15.16
N GLY A 298 -14.05 -1.96 14.54
CA GLY A 298 -13.08 -0.89 14.80
C GLY A 298 -12.55 -0.89 16.23
N LYS A 299 -12.74 -1.97 16.99
CA LYS A 299 -12.28 -1.98 18.42
C LYS A 299 -10.75 -2.05 18.46
N PHE A 300 -10.14 -1.19 19.26
CA PHE A 300 -8.68 -1.21 19.48
C PHE A 300 -8.28 -2.55 20.11
N GLU A 301 -7.23 -3.16 19.59
CA GLU A 301 -6.72 -4.43 20.12
C GLU A 301 -5.44 -4.15 20.88
N LYS A 302 -4.41 -3.63 20.23
CA LYS A 302 -3.14 -3.39 20.97
C LYS A 302 -2.25 -2.42 20.20
N THR A 303 -1.29 -1.86 20.93
CA THR A 303 -0.18 -1.05 20.42
C THR A 303 1.05 -1.95 20.37
N ILE A 304 1.83 -1.86 19.28
CA ILE A 304 3.14 -2.53 19.14
C ILE A 304 4.22 -1.45 19.01
N SER A 305 5.07 -1.33 20.02
CA SER A 305 6.08 -0.26 20.13
C SER A 305 7.47 -0.87 19.94
N GLY A 306 8.42 -0.04 19.57
CA GLY A 306 9.84 -0.42 19.48
C GLY A 306 10.60 0.37 18.43
N HIS A 307 9.96 0.86 17.36
CA HIS A 307 10.68 1.73 16.40
C HIS A 307 11.13 3.02 17.13
N LYS A 308 12.29 3.52 16.76
CA LYS A 308 12.90 4.70 17.40
C LYS A 308 12.38 5.98 16.75
N LEU A 309 11.82 5.91 15.55
CA LEU A 309 11.28 7.10 14.85
C LEU A 309 9.99 6.69 14.14
N GLY A 310 9.42 7.61 13.37
CA GLY A 310 8.12 7.40 12.74
C GLY A 310 8.14 6.18 11.83
N ILE A 311 6.98 5.60 11.61
CA ILE A 311 6.80 4.44 10.70
C ILE A 311 6.01 4.93 9.49
N SER A 312 6.46 4.59 8.30
CA SER A 312 5.80 4.95 7.02
C SER A 312 4.87 3.84 6.50
N ASP A 313 5.11 2.57 6.84
CA ASP A 313 4.38 1.44 6.20
C ASP A 313 4.40 0.23 7.12
N VAL A 314 3.36 -0.58 6.98
CA VAL A 314 3.29 -1.93 7.61
C VAL A 314 2.68 -2.85 6.58
N ALA A 315 2.96 -4.14 6.67
CA ALA A 315 2.40 -5.13 5.74
C ALA A 315 2.25 -6.42 6.50
N TRP A 316 1.23 -7.20 6.17
CA TRP A 316 0.93 -8.49 6.81
C TRP A 316 1.55 -9.61 6.00
N SER A 317 1.87 -10.68 6.68
CA SER A 317 2.09 -11.98 6.06
C SER A 317 0.73 -12.59 5.67
N SER A 318 0.78 -13.58 4.78
CA SER A 318 -0.42 -14.25 4.22
C SER A 318 -1.15 -14.97 5.33
N ASP A 319 -0.46 -15.32 6.40
CA ASP A 319 -1.12 -16.02 7.52
C ASP A 319 -1.70 -15.07 8.57
N SER A 320 -1.68 -13.74 8.36
CA SER A 320 -2.35 -12.78 9.24
C SER A 320 -1.74 -12.82 10.65
N ASN A 321 -0.53 -13.36 10.80
CA ASN A 321 0.17 -13.62 12.10
C ASN A 321 1.40 -12.71 12.23
N LEU A 322 2.12 -12.47 11.13
CA LEU A 322 3.31 -11.59 11.10
C LEU A 322 2.96 -10.25 10.46
N LEU A 323 3.62 -9.22 10.94
CA LEU A 323 3.60 -7.88 10.34
C LEU A 323 5.04 -7.48 10.10
N VAL A 324 5.27 -6.72 9.06
CA VAL A 324 6.58 -6.06 8.87
C VAL A 324 6.28 -4.56 8.83
N SER A 325 7.16 -3.78 9.43
CA SER A 325 7.06 -2.31 9.49
C SER A 325 8.29 -1.69 8.87
N ALA A 326 8.13 -0.51 8.29
CA ALA A 326 9.24 0.24 7.67
C ALA A 326 9.36 1.61 8.35
N SER A 327 10.53 1.96 8.89
CA SER A 327 10.67 3.14 9.75
C SER A 327 11.77 4.11 9.27
N ASP A 328 11.57 5.37 9.65
CA ASP A 328 12.61 6.44 9.58
C ASP A 328 13.86 6.04 10.37
N ASP A 329 13.76 5.11 11.33
CA ASP A 329 14.99 4.62 12.05
C ASP A 329 15.86 3.76 11.14
N LYS A 330 15.47 3.55 9.88
CA LYS A 330 16.26 2.84 8.85
C LYS A 330 16.25 1.33 9.06
N THR A 331 15.33 0.82 9.88
CA THR A 331 15.07 -0.63 10.06
C THR A 331 13.68 -1.00 9.51
N LEU A 332 13.53 -2.30 9.20
CA LEU A 332 12.23 -2.96 9.26
C LEU A 332 12.25 -3.84 10.50
N LYS A 333 11.06 -4.07 11.05
CA LYS A 333 10.87 -5.00 12.15
C LYS A 333 9.81 -6.01 11.73
N ILE A 334 10.06 -7.25 12.10
CA ILE A 334 9.08 -8.34 11.94
C ILE A 334 8.48 -8.61 13.31
N TRP A 335 7.17 -8.58 13.37
CA TRP A 335 6.41 -8.73 14.62
C TRP A 335 5.52 -9.96 14.57
N ASP A 336 5.42 -10.61 15.71
CA ASP A 336 4.39 -11.61 15.96
C ASP A 336 3.17 -10.85 16.50
N VAL A 337 2.13 -10.72 15.70
CA VAL A 337 1.02 -9.79 16.11
C VAL A 337 0.29 -10.36 17.33
N SER A 338 0.15 -11.66 17.44
CA SER A 338 -0.66 -12.25 18.52
C SER A 338 0.05 -12.02 19.87
N SER A 339 1.38 -12.08 19.91
CA SER A 339 2.16 -11.87 21.16
C SER A 339 2.63 -10.41 21.32
N GLY A 340 2.60 -9.58 20.28
CA GLY A 340 3.25 -8.25 20.32
C GLY A 340 4.77 -8.35 20.16
N LYS A 341 5.39 -9.52 20.04
CA LYS A 341 6.89 -9.59 20.16
C LYS A 341 7.53 -9.12 18.86
N CYS A 342 8.68 -8.45 18.97
CA CYS A 342 9.58 -8.20 17.83
C CYS A 342 10.41 -9.47 17.59
N LEU A 343 10.27 -10.12 16.43
CA LEU A 343 10.97 -11.39 16.12
C LEU A 343 12.33 -11.09 15.51
N LYS A 344 12.45 -10.05 14.67
CA LYS A 344 13.72 -9.71 14.00
C LYS A 344 13.71 -8.23 13.67
N THR A 345 14.89 -7.64 13.62
CA THR A 345 15.09 -6.27 13.10
C THR A 345 15.96 -6.43 11.87
N LEU A 346 15.51 -5.89 10.74
CA LEU A 346 16.20 -5.99 9.44
C LEU A 346 17.02 -4.72 9.25
N LYS A 347 18.34 -4.87 9.31
CA LYS A 347 19.31 -3.75 9.20
C LYS A 347 20.06 -3.82 7.89
N GLY A 348 20.32 -2.67 7.28
CA GLY A 348 21.05 -2.61 6.01
C GLY A 348 20.73 -1.35 5.22
N HIS A 349 19.49 -0.85 5.26
CA HIS A 349 19.20 0.41 4.58
C HIS A 349 20.03 1.54 5.22
N SER A 350 20.45 2.51 4.42
CA SER A 350 21.26 3.66 4.88
C SER A 350 20.40 4.94 4.97
N ASN A 351 19.09 4.85 4.72
CA ASN A 351 18.20 6.02 4.85
C ASN A 351 16.80 5.47 5.16
N TYR A 352 15.83 6.32 5.40
CA TYR A 352 14.49 5.94 5.88
C TYR A 352 13.95 4.78 5.06
N VAL A 353 13.38 3.78 5.72
CA VAL A 353 12.67 2.70 5.00
C VAL A 353 11.22 3.18 4.88
N PHE A 354 10.71 3.20 3.66
CA PHE A 354 9.46 3.91 3.30
C PHE A 354 8.33 2.93 2.95
N CYS A 355 8.64 1.75 2.45
CA CYS A 355 7.64 0.80 1.91
C CYS A 355 8.13 -0.63 2.12
N CYS A 356 7.21 -1.57 2.34
CA CYS A 356 7.56 -2.98 2.63
C CYS A 356 6.38 -3.90 2.26
N ASN A 357 6.69 -5.16 2.00
CA ASN A 357 5.64 -6.18 1.73
C ASN A 357 6.29 -7.54 1.91
N PHE A 358 5.49 -8.52 2.35
CA PHE A 358 5.84 -9.93 2.20
C PHE A 358 5.52 -10.36 0.76
N ASN A 359 6.16 -11.44 0.33
CA ASN A 359 5.67 -12.17 -0.87
C ASN A 359 4.46 -13.01 -0.46
N PRO A 360 3.66 -13.49 -1.42
CA PRO A 360 2.45 -14.24 -1.05
C PRO A 360 2.78 -15.47 -0.18
N GLN A 361 3.90 -16.10 -0.47
CA GLN A 361 4.40 -17.27 0.29
C GLN A 361 4.82 -16.81 1.70
N SER A 362 5.23 -15.56 1.84
CA SER A 362 5.61 -14.93 3.14
C SER A 362 6.91 -15.51 3.70
N ASN A 363 7.78 -16.05 2.84
CA ASN A 363 9.17 -16.40 3.20
C ASN A 363 10.13 -15.26 2.88
N LEU A 364 9.68 -14.28 2.08
CA LEU A 364 10.51 -13.10 1.72
C LEU A 364 9.81 -11.81 2.14
N ILE A 365 10.62 -10.79 2.39
CA ILE A 365 10.15 -9.38 2.51
C ILE A 365 10.89 -8.55 1.46
N VAL A 366 10.18 -7.62 0.85
CA VAL A 366 10.80 -6.59 -0.04
C VAL A 366 10.61 -5.24 0.64
N SER A 367 11.63 -4.39 0.56
CA SER A 367 11.64 -3.04 1.16
C SER A 367 12.18 -2.03 0.15
N GLY A 368 11.65 -0.82 0.21
CA GLY A 368 12.18 0.34 -0.53
C GLY A 368 12.51 1.46 0.43
N SER A 369 13.52 2.24 0.08
CA SER A 369 14.13 3.23 0.99
C SER A 369 14.41 4.57 0.29
N PHE A 370 14.54 5.61 1.10
CA PHE A 370 15.11 6.92 0.69
C PHE A 370 16.57 6.72 0.32
N ASP A 371 17.19 5.56 0.59
CA ASP A 371 18.57 5.29 0.08
C ASP A 371 18.52 4.83 -1.38
N GLU A 372 17.35 4.82 -2.03
CA GLU A 372 17.17 4.59 -3.50
C GLU A 372 17.32 3.12 -3.85
N SER A 373 17.49 2.24 -2.87
CA SER A 373 17.62 0.78 -3.11
C SER A 373 16.31 0.07 -2.77
N VAL A 374 16.20 -1.14 -3.31
CA VAL A 374 15.22 -2.18 -2.93
C VAL A 374 16.03 -3.35 -2.37
N ARG A 375 15.63 -3.85 -1.20
CA ARG A 375 16.26 -5.01 -0.54
C ARG A 375 15.25 -6.14 -0.46
N ILE A 376 15.75 -7.35 -0.66
CA ILE A 376 14.96 -8.60 -0.53
C ILE A 376 15.54 -9.35 0.67
N TRP A 377 14.69 -9.72 1.62
CA TRP A 377 15.13 -10.29 2.91
C TRP A 377 14.56 -11.68 3.09
N ASP A 378 15.32 -12.55 3.75
CA ASP A 378 14.83 -13.87 4.22
C ASP A 378 14.04 -13.66 5.51
N VAL A 379 12.77 -14.04 5.54
CA VAL A 379 11.93 -13.84 6.76
C VAL A 379 12.50 -14.68 7.90
N LYS A 380 12.87 -15.94 7.65
CA LYS A 380 13.25 -16.90 8.74
C LYS A 380 14.48 -16.36 9.49
N THR A 381 15.49 -15.92 8.77
CA THR A 381 16.85 -15.61 9.30
C THR A 381 17.00 -14.11 9.51
N GLY A 382 16.15 -13.29 8.87
CA GLY A 382 16.31 -11.85 8.84
C GLY A 382 17.48 -11.43 7.97
N LYS A 383 18.10 -12.31 7.18
CA LYS A 383 19.27 -11.86 6.41
C LYS A 383 18.81 -11.22 5.09
N CYS A 384 19.50 -10.18 4.69
CA CYS A 384 19.33 -9.54 3.36
C CYS A 384 19.88 -10.46 2.30
N LEU A 385 19.08 -10.78 1.31
CA LEU A 385 19.49 -11.73 0.25
C LEU A 385 20.05 -10.92 -0.92
N LYS A 386 19.42 -9.78 -1.24
CA LYS A 386 19.82 -8.98 -2.41
C LYS A 386 19.57 -7.52 -2.12
N THR A 387 20.48 -6.67 -2.60
CA THR A 387 20.26 -5.21 -2.62
C THR A 387 20.22 -4.76 -4.09
N LEU A 388 19.12 -4.18 -4.56
CA LEU A 388 19.00 -3.77 -5.97
C LEU A 388 19.24 -2.28 -6.05
N PRO A 389 20.02 -1.80 -7.03
CA PRO A 389 20.24 -0.37 -7.23
C PRO A 389 19.05 0.16 -8.03
N ALA A 390 17.87 0.12 -7.41
CA ALA A 390 16.60 0.08 -8.16
C ALA A 390 16.31 1.43 -8.81
N HIS A 391 16.62 2.51 -8.12
CA HIS A 391 16.15 3.85 -8.51
C HIS A 391 17.20 4.92 -8.20
N SER A 392 16.88 6.15 -8.58
CA SER A 392 17.81 7.30 -8.48
C SER A 392 17.21 8.39 -7.57
N ASP A 393 16.19 8.02 -6.79
CA ASP A 393 15.51 8.90 -5.80
C ASP A 393 14.74 7.96 -4.88
N PRO A 394 14.12 8.47 -3.81
CA PRO A 394 13.47 7.59 -2.85
C PRO A 394 12.48 6.64 -3.56
N VAL A 395 12.45 5.41 -3.05
CA VAL A 395 11.52 4.33 -3.47
C VAL A 395 10.21 4.48 -2.70
N SER A 396 9.12 4.76 -3.42
CA SER A 396 7.81 5.15 -2.84
C SER A 396 6.96 3.90 -2.56
N ALA A 397 7.13 2.82 -3.30
CA ALA A 397 6.34 1.58 -3.07
C ALA A 397 7.09 0.37 -3.59
N VAL A 398 6.77 -0.79 -3.02
CA VAL A 398 7.27 -2.12 -3.48
C VAL A 398 6.18 -3.15 -3.23
N HIS A 399 5.99 -4.05 -4.19
CA HIS A 399 4.92 -5.06 -4.16
C HIS A 399 5.37 -6.28 -4.94
N PHE A 400 5.08 -7.45 -4.38
CA PHE A 400 5.26 -8.72 -5.12
C PHE A 400 3.99 -9.00 -5.92
N ASN A 401 4.17 -9.70 -7.05
CA ASN A 401 3.02 -10.21 -7.83
C ASN A 401 2.51 -11.49 -7.14
N ARG A 402 1.46 -12.07 -7.69
CA ARG A 402 0.67 -13.03 -6.88
C ARG A 402 1.40 -14.37 -6.80
N ASP A 403 2.36 -14.69 -7.68
CA ASP A 403 3.16 -15.94 -7.49
C ASP A 403 4.55 -15.65 -6.90
N GLY A 404 4.85 -14.38 -6.57
CA GLY A 404 6.14 -14.03 -5.92
C GLY A 404 7.32 -13.91 -6.88
N SER A 405 7.14 -14.16 -8.17
CA SER A 405 8.22 -14.23 -9.17
C SER A 405 8.70 -12.83 -9.58
N LEU A 406 7.87 -11.81 -9.34
CA LEU A 406 8.16 -10.41 -9.73
C LEU A 406 7.94 -9.47 -8.54
N ILE A 407 8.74 -8.44 -8.52
CA ILE A 407 8.57 -7.25 -7.65
C ILE A 407 8.33 -6.05 -8.57
N VAL A 408 7.36 -5.20 -8.23
CA VAL A 408 7.26 -3.86 -8.87
C VAL A 408 7.71 -2.82 -7.85
N SER A 409 8.53 -1.86 -8.28
CA SER A 409 8.92 -0.69 -7.44
C SER A 409 8.52 0.60 -8.16
N SER A 410 8.30 1.66 -7.39
CA SER A 410 8.06 3.04 -7.89
C SER A 410 8.98 4.00 -7.16
N SER A 411 9.28 5.12 -7.80
CA SER A 411 10.22 6.11 -7.24
C SER A 411 9.85 7.53 -7.66
N TYR A 412 10.25 8.46 -6.82
CA TYR A 412 10.26 9.90 -7.16
C TYR A 412 11.08 10.15 -8.42
N ASP A 413 11.92 9.21 -8.88
CA ASP A 413 12.72 9.42 -10.09
C ASP A 413 11.79 9.44 -11.32
N GLY A 414 10.54 9.00 -11.20
CA GLY A 414 9.62 8.98 -12.35
C GLY A 414 9.36 7.61 -12.92
N LEU A 415 10.03 6.58 -12.39
CA LEU A 415 9.95 5.23 -13.00
C LEU A 415 9.12 4.25 -12.16
N CYS A 416 8.46 3.34 -12.87
CA CYS A 416 8.01 2.03 -12.35
C CYS A 416 8.93 0.98 -12.92
N ARG A 417 9.43 0.10 -12.06
CA ARG A 417 10.33 -0.99 -12.50
C ARG A 417 9.79 -2.35 -12.04
N ILE A 418 10.01 -3.36 -12.89
CA ILE A 418 9.67 -4.78 -12.65
C ILE A 418 10.98 -5.56 -12.55
N TRP A 419 11.14 -6.30 -11.45
CA TRP A 419 12.36 -7.01 -11.03
C TRP A 419 12.07 -8.50 -10.98
N ASP A 420 13.00 -9.28 -11.51
CA ASP A 420 13.00 -10.75 -11.29
C ASP A 420 13.38 -11.01 -9.83
N THR A 421 12.49 -11.62 -9.05
CA THR A 421 12.75 -11.87 -7.61
C THR A 421 14.04 -12.71 -7.47
N ALA A 422 14.14 -13.78 -8.26
CA ALA A 422 15.19 -14.82 -8.15
C ALA A 422 16.55 -14.18 -8.46
N SER A 423 16.66 -13.39 -9.55
CA SER A 423 17.96 -12.91 -10.07
C SER A 423 18.22 -11.48 -9.65
N GLY A 424 17.17 -10.73 -9.34
CA GLY A 424 17.30 -9.29 -9.08
C GLY A 424 17.51 -8.49 -10.36
N GLN A 425 17.34 -9.08 -11.54
CA GLN A 425 17.55 -8.33 -12.80
C GLN A 425 16.30 -7.44 -13.08
N CYS A 426 16.53 -6.24 -13.60
CA CYS A 426 15.44 -5.34 -14.04
C CYS A 426 14.87 -5.85 -15.36
N LEU A 427 13.63 -6.29 -15.37
CA LEU A 427 12.98 -6.90 -16.55
C LEU A 427 12.30 -5.82 -17.37
N LYS A 428 11.93 -4.70 -16.76
CA LYS A 428 11.10 -3.72 -17.49
C LYS A 428 11.09 -2.40 -16.76
N THR A 429 11.16 -1.29 -17.49
CA THR A 429 10.93 0.03 -16.90
C THR A 429 9.71 0.62 -17.57
N LEU A 430 8.71 1.05 -16.80
CA LEU A 430 7.47 1.63 -17.37
C LEU A 430 7.41 3.13 -17.13
N ILE A 431 7.04 3.86 -18.17
CA ILE A 431 6.83 5.33 -18.15
C ILE A 431 6.10 5.65 -19.46
N ASP A 432 5.32 6.73 -19.47
CA ASP A 432 4.29 7.03 -20.50
C ASP A 432 4.62 8.34 -21.23
N ASP A 433 5.87 8.83 -21.14
CA ASP A 433 6.35 10.06 -21.81
C ASP A 433 6.17 11.27 -20.88
N ASP A 434 5.43 11.17 -19.81
CA ASP A 434 5.42 12.21 -18.74
C ASP A 434 6.47 11.78 -17.71
N ASN A 435 6.97 12.66 -16.86
CA ASN A 435 7.99 12.23 -15.86
C ASN A 435 7.74 12.74 -14.46
N PRO A 436 6.48 12.88 -13.97
CA PRO A 436 6.28 13.30 -12.59
C PRO A 436 6.75 12.17 -11.67
N PRO A 437 7.08 12.47 -10.41
CA PRO A 437 7.35 11.43 -9.43
C PRO A 437 6.25 10.36 -9.41
N VAL A 438 6.66 9.11 -9.25
CA VAL A 438 5.73 7.97 -9.00
C VAL A 438 5.71 7.72 -7.49
N SER A 439 4.52 7.84 -6.94
CA SER A 439 4.27 7.90 -5.50
C SER A 439 3.69 6.58 -4.96
N PHE A 440 3.33 5.67 -5.83
CA PHE A 440 2.66 4.41 -5.43
C PHE A 440 2.62 3.46 -6.63
N VAL A 441 2.64 2.17 -6.33
CA VAL A 441 2.46 1.11 -7.35
C VAL A 441 2.05 -0.19 -6.63
N LYS A 442 1.19 -0.97 -7.28
CA LYS A 442 0.84 -2.33 -6.80
C LYS A 442 0.31 -3.15 -7.97
N PHE A 443 0.60 -4.45 -7.93
CA PHE A 443 -0.02 -5.40 -8.86
C PHE A 443 -1.51 -5.54 -8.56
N SER A 444 -2.29 -5.79 -9.61
CA SER A 444 -3.67 -6.27 -9.47
C SER A 444 -3.65 -7.64 -8.79
N PRO A 445 -4.78 -8.08 -8.19
CA PRO A 445 -4.83 -9.44 -7.62
C PRO A 445 -4.35 -10.57 -8.53
N ASN A 446 -4.60 -10.50 -9.82
CA ASN A 446 -4.16 -11.59 -10.73
C ASN A 446 -2.71 -11.37 -11.20
N GLY A 447 -2.09 -10.24 -10.85
CA GLY A 447 -0.70 -9.98 -11.28
C GLY A 447 -0.57 -9.52 -12.73
N LYS A 448 -1.64 -9.40 -13.49
CA LYS A 448 -1.56 -9.05 -14.91
C LYS A 448 -1.39 -7.55 -15.10
N TYR A 449 -1.90 -6.75 -14.15
CA TYR A 449 -1.90 -5.28 -14.27
C TYR A 449 -1.13 -4.68 -13.11
N ILE A 450 -0.66 -3.46 -13.31
CA ILE A 450 -0.05 -2.64 -12.24
C ILE A 450 -0.81 -1.34 -12.18
N LEU A 451 -1.19 -0.91 -10.96
CA LEU A 451 -1.83 0.39 -10.70
C LEU A 451 -0.75 1.31 -10.11
N ALA A 452 -0.52 2.44 -10.72
CA ALA A 452 0.51 3.39 -10.23
C ALA A 452 -0.12 4.76 -10.02
N ALA A 453 0.41 5.55 -9.08
CA ALA A 453 0.01 6.94 -8.86
C ALA A 453 1.21 7.79 -9.21
N THR A 454 0.95 8.90 -9.87
CA THR A 454 1.95 9.95 -10.13
C THR A 454 1.49 11.25 -9.49
N LEU A 455 2.47 12.07 -9.11
CA LEU A 455 2.21 13.33 -8.38
C LEU A 455 1.81 14.45 -9.37
N ASP A 456 1.04 14.11 -10.41
CA ASP A 456 0.33 15.12 -11.24
C ASP A 456 -1.15 14.77 -11.26
N ASN A 457 -1.67 14.24 -10.15
CA ASN A 457 -3.11 13.98 -9.95
C ASN A 457 -3.59 12.90 -10.90
N THR A 458 -2.83 11.82 -11.05
CA THR A 458 -3.18 10.69 -11.97
C THR A 458 -2.92 9.33 -11.35
N LEU A 459 -3.90 8.43 -11.45
CA LEU A 459 -3.69 6.96 -11.32
C LEU A 459 -3.60 6.38 -12.73
N LYS A 460 -2.68 5.42 -12.91
CA LYS A 460 -2.36 4.80 -14.22
C LYS A 460 -2.38 3.28 -14.06
N LEU A 461 -3.16 2.59 -14.90
CA LEU A 461 -3.24 1.12 -14.88
C LEU A 461 -2.53 0.60 -16.13
N TRP A 462 -1.50 -0.19 -15.91
CA TRP A 462 -0.61 -0.76 -16.95
C TRP A 462 -0.94 -2.22 -17.18
N ASP A 463 -1.05 -2.63 -18.44
CA ASP A 463 -0.85 -4.05 -18.85
C ASP A 463 0.66 -4.23 -19.03
N TYR A 464 1.39 -4.64 -18.00
CA TYR A 464 2.85 -4.33 -18.00
C TYR A 464 3.57 -5.25 -19.00
N SER A 465 3.03 -6.44 -19.23
CA SER A 465 3.55 -7.42 -20.22
C SER A 465 3.43 -6.84 -21.64
N LYS A 466 2.40 -6.03 -21.95
CA LYS A 466 2.30 -5.33 -23.27
C LYS A 466 3.05 -3.98 -23.21
N GLY A 467 3.49 -3.54 -22.01
CA GLY A 467 4.12 -2.22 -21.84
C GLY A 467 3.14 -1.10 -22.14
N LYS A 468 1.84 -1.29 -21.89
CA LYS A 468 0.83 -0.33 -22.34
C LYS A 468 0.05 0.12 -21.12
N CYS A 469 -0.18 1.42 -21.05
CA CYS A 469 -1.09 2.02 -20.06
C CYS A 469 -2.50 1.93 -20.63
N LEU A 470 -3.38 1.12 -20.02
CA LEU A 470 -4.72 0.82 -20.58
C LEU A 470 -5.78 1.77 -20.01
N LYS A 471 -5.62 2.24 -18.78
CA LYS A 471 -6.65 3.09 -18.11
C LYS A 471 -5.97 4.11 -17.21
N THR A 472 -6.61 5.28 -17.06
CA THR A 472 -6.22 6.27 -16.05
C THR A 472 -7.46 6.65 -15.25
N TYR A 473 -7.23 7.10 -14.03
CA TYR A 473 -8.30 7.58 -13.10
C TYR A 473 -7.86 8.96 -12.62
N THR A 474 -8.70 9.95 -12.84
CA THR A 474 -8.36 11.37 -12.57
C THR A 474 -9.55 12.08 -11.90
N GLY A 475 -9.37 13.31 -11.42
CA GLY A 475 -10.40 14.11 -10.74
C GLY A 475 -10.05 14.35 -9.29
N HIS A 476 -9.10 13.58 -8.75
CA HIS A 476 -8.61 13.71 -7.35
C HIS A 476 -7.42 14.68 -7.29
N LYS A 477 -6.95 15.03 -6.09
CA LYS A 477 -5.76 15.89 -5.91
C LYS A 477 -4.64 15.04 -5.35
N ASN A 478 -3.50 15.01 -6.06
CA ASN A 478 -2.32 14.28 -5.60
C ASN A 478 -1.09 14.84 -6.29
N GLU A 479 -0.47 15.81 -5.64
CA GLU A 479 0.74 16.51 -6.12
C GLU A 479 1.87 16.46 -5.12
N LYS A 480 1.66 15.97 -3.89
CA LYS A 480 2.66 16.15 -2.80
C LYS A 480 2.98 14.84 -2.09
N TYR A 481 1.97 14.07 -1.73
CA TYR A 481 2.14 12.95 -0.79
C TYR A 481 2.02 11.61 -1.49
N CYS A 482 2.65 10.61 -0.89
CA CYS A 482 2.58 9.22 -1.39
C CYS A 482 1.28 8.62 -0.87
N ILE A 483 0.26 8.67 -1.70
CA ILE A 483 -1.11 8.19 -1.35
C ILE A 483 -1.31 6.77 -1.92
N PHE A 484 -1.72 5.84 -1.07
CA PHE A 484 -1.94 4.41 -1.42
C PHE A 484 -3.35 4.23 -2.02
N ALA A 485 -3.40 3.61 -3.19
CA ALA A 485 -4.65 3.31 -3.91
C ALA A 485 -4.86 1.79 -3.97
N ASN A 486 -6.05 1.36 -4.39
CA ASN A 486 -6.45 -0.05 -4.30
C ASN A 486 -7.40 -0.41 -5.42
N PHE A 487 -7.42 -1.71 -5.69
CA PHE A 487 -8.52 -2.40 -6.37
C PHE A 487 -9.51 -2.87 -5.32
N SER A 488 -10.79 -2.50 -5.52
CA SER A 488 -11.97 -2.97 -4.77
C SER A 488 -12.68 -4.02 -5.64
N VAL A 489 -12.75 -5.28 -5.19
CA VAL A 489 -13.22 -6.39 -6.06
C VAL A 489 -14.22 -7.28 -5.31
N THR A 490 -14.67 -6.91 -4.10
CA THR A 490 -15.61 -7.70 -3.28
C THR A 490 -17.01 -7.49 -3.82
N GLY A 491 -17.35 -6.31 -4.32
CA GLY A 491 -18.69 -6.06 -4.87
C GLY A 491 -18.56 -5.61 -6.32
N GLY A 492 -18.99 -4.41 -6.64
CA GLY A 492 -18.60 -3.72 -7.89
C GLY A 492 -17.09 -3.62 -7.98
N LYS A 493 -16.59 -3.47 -9.19
CA LYS A 493 -15.13 -3.37 -9.45
C LYS A 493 -14.79 -1.90 -9.47
N TRP A 494 -14.06 -1.45 -8.44
CA TRP A 494 -13.73 -0.02 -8.25
C TRP A 494 -12.22 0.16 -8.12
N ILE A 495 -11.79 1.38 -8.38
CA ILE A 495 -10.47 1.87 -7.93
C ILE A 495 -10.73 2.80 -6.76
N VAL A 496 -9.94 2.69 -5.70
CA VAL A 496 -10.12 3.53 -4.50
C VAL A 496 -8.82 4.29 -4.24
N SER A 497 -8.90 5.56 -3.85
CA SER A 497 -7.68 6.28 -3.46
C SER A 497 -8.00 7.38 -2.47
N GLY A 498 -6.95 7.81 -1.75
CA GLY A 498 -6.99 9.05 -0.97
C GLY A 498 -6.74 10.24 -1.88
N SER A 499 -6.87 11.43 -1.33
CA SER A 499 -6.73 12.70 -2.09
C SER A 499 -6.33 13.80 -1.12
N GLU A 500 -5.69 14.81 -1.66
CA GLU A 500 -5.14 15.94 -0.88
C GLU A 500 -6.25 16.96 -0.60
N ASP A 501 -7.50 16.75 -1.09
CA ASP A 501 -8.67 17.57 -0.71
C ASP A 501 -9.42 16.87 0.44
N ASN A 502 -8.76 15.90 1.07
CA ASN A 502 -9.25 15.25 2.32
C ASN A 502 -10.34 14.22 2.01
N LEU A 503 -10.59 13.88 0.74
CA LEU A 503 -11.67 12.93 0.40
C LEU A 503 -11.09 11.57 0.03
N VAL A 504 -11.90 10.55 0.15
CA VAL A 504 -11.67 9.25 -0.52
C VAL A 504 -12.43 9.29 -1.86
N TYR A 505 -11.74 9.00 -2.96
CA TYR A 505 -12.30 8.86 -4.33
C TYR A 505 -12.45 7.38 -4.70
N ILE A 506 -13.60 7.10 -5.29
CA ILE A 506 -13.95 5.77 -5.84
C ILE A 506 -14.32 5.95 -7.30
N TRP A 507 -13.67 5.18 -8.17
CA TRP A 507 -13.94 5.16 -9.64
C TRP A 507 -14.52 3.81 -10.05
N ASN A 508 -15.34 3.82 -11.10
CA ASN A 508 -15.62 2.61 -11.91
C ASN A 508 -14.33 2.08 -12.57
N LEU A 509 -13.93 0.85 -12.25
CA LEU A 509 -12.69 0.21 -12.80
C LEU A 509 -12.69 0.30 -14.33
N GLN A 510 -13.82 -0.02 -14.96
CA GLN A 510 -13.90 -0.14 -16.44
C GLN A 510 -14.02 1.24 -17.10
N THR A 511 -14.99 2.06 -16.67
CA THR A 511 -15.37 3.30 -17.37
C THR A 511 -14.50 4.46 -16.90
N LYS A 512 -13.86 4.33 -15.72
CA LYS A 512 -12.94 5.35 -15.17
C LYS A 512 -13.68 6.58 -14.69
N GLU A 513 -15.00 6.49 -14.57
CA GLU A 513 -15.83 7.58 -14.03
C GLU A 513 -15.76 7.58 -12.51
N ILE A 514 -15.82 8.75 -11.90
CA ILE A 514 -15.92 8.83 -10.42
C ILE A 514 -17.34 8.43 -10.02
N VAL A 515 -17.47 7.53 -9.07
CA VAL A 515 -18.78 6.99 -8.63
C VAL A 515 -19.11 7.42 -7.21
N GLN A 516 -18.12 7.77 -6.40
CA GLN A 516 -18.36 8.19 -5.00
C GLN A 516 -17.15 8.97 -4.46
N LYS A 517 -17.44 9.98 -3.64
CA LYS A 517 -16.42 10.74 -2.87
C LYS A 517 -16.85 10.65 -1.41
N LEU A 518 -15.97 10.25 -0.52
CA LEU A 518 -16.29 10.05 0.92
C LEU A 518 -15.72 11.22 1.70
N GLN A 519 -16.58 12.01 2.35
CA GLN A 519 -16.20 13.20 3.14
C GLN A 519 -16.14 12.79 4.61
N GLY A 520 -15.11 13.24 5.30
CA GLY A 520 -15.05 13.02 6.75
C GLY A 520 -13.67 13.35 7.32
N HIS A 521 -12.61 13.06 6.59
CA HIS A 521 -11.24 13.40 7.02
C HIS A 521 -11.05 14.93 7.02
N THR A 522 -10.19 15.39 7.90
CA THR A 522 -9.86 16.82 8.09
C THR A 522 -8.45 17.09 7.62
N ASP A 523 -7.81 16.10 6.99
CA ASP A 523 -6.48 16.28 6.38
C ASP A 523 -6.34 15.24 5.26
N VAL A 524 -5.23 15.32 4.55
CA VAL A 524 -4.90 14.51 3.38
C VAL A 524 -5.16 13.07 3.76
N VAL A 525 -5.86 12.35 2.88
CA VAL A 525 -6.06 10.89 3.04
C VAL A 525 -4.85 10.20 2.40
N ILE A 526 -3.95 9.69 3.22
CA ILE A 526 -2.61 9.22 2.77
C ILE A 526 -2.70 7.75 2.36
N SER A 527 -3.69 7.02 2.87
CA SER A 527 -3.73 5.56 2.71
C SER A 527 -5.18 5.06 2.70
N THR A 528 -5.44 4.13 1.80
CA THR A 528 -6.73 3.42 1.73
C THR A 528 -6.41 1.95 1.65
N ALA A 529 -7.35 1.14 2.13
CA ALA A 529 -7.27 -0.33 2.04
C ALA A 529 -8.67 -0.86 1.77
N CYS A 530 -8.76 -1.98 1.06
CA CYS A 530 -10.04 -2.65 0.77
C CYS A 530 -10.06 -4.02 1.43
N HIS A 531 -11.08 -4.29 2.23
CA HIS A 531 -11.26 -5.56 2.96
C HIS A 531 -11.29 -6.74 1.97
N PRO A 532 -10.70 -7.91 2.31
CA PRO A 532 -10.59 -9.02 1.36
C PRO A 532 -11.90 -9.72 0.98
N THR A 533 -12.94 -9.62 1.80
CA THR A 533 -14.23 -10.32 1.56
C THR A 533 -15.44 -9.41 1.69
N GLU A 534 -15.42 -8.39 2.54
CA GLU A 534 -16.59 -7.50 2.70
C GLU A 534 -16.34 -6.18 1.98
N ASN A 535 -17.42 -5.48 1.62
CA ASN A 535 -17.34 -4.14 0.98
C ASN A 535 -16.99 -3.12 2.06
N ILE A 536 -15.73 -3.09 2.50
CA ILE A 536 -15.30 -2.22 3.64
C ILE A 536 -14.02 -1.53 3.18
N ILE A 537 -13.98 -0.22 3.29
CA ILE A 537 -12.77 0.58 2.97
C ILE A 537 -12.23 1.11 4.31
N ALA A 538 -10.91 1.04 4.50
CA ALA A 538 -10.22 1.75 5.57
C ALA A 538 -9.48 2.93 4.94
N SER A 539 -9.58 4.10 5.57
CA SER A 539 -8.88 5.32 5.12
C SER A 539 -8.14 5.91 6.31
N ALA A 540 -6.97 6.52 6.08
CA ALA A 540 -6.11 7.07 7.14
C ALA A 540 -5.61 8.43 6.67
N ALA A 541 -5.46 9.39 7.58
CA ALA A 541 -5.16 10.78 7.21
C ALA A 541 -3.99 11.33 8.02
N LEU A 542 -3.51 12.48 7.58
CA LEU A 542 -2.25 13.08 8.09
C LEU A 542 -2.47 13.93 9.37
N GLU A 543 -1.47 14.75 9.71
CA GLU A 543 -1.25 15.31 11.08
C GLU A 543 -2.49 16.04 11.64
N ASN A 544 -3.28 16.71 10.79
CA ASN A 544 -4.44 17.52 11.30
C ASN A 544 -5.69 16.68 11.45
N ASP A 545 -5.58 15.36 11.24
CA ASP A 545 -6.71 14.40 11.36
C ASP A 545 -6.35 13.31 12.36
N LYS A 546 -5.32 12.51 12.08
CA LYS A 546 -4.78 11.46 13.00
C LYS A 546 -5.72 10.27 13.13
N THR A 547 -6.73 10.16 12.26
CA THR A 547 -7.66 9.01 12.38
C THR A 547 -7.60 8.04 11.20
N ILE A 548 -8.10 6.85 11.50
CA ILE A 548 -8.46 5.83 10.51
C ILE A 548 -9.98 5.81 10.49
N LYS A 549 -10.57 5.64 9.31
CA LYS A 549 -12.03 5.48 9.22
C LYS A 549 -12.34 4.17 8.51
N LEU A 550 -13.40 3.48 8.97
CA LEU A 550 -14.00 2.32 8.28
C LEU A 550 -15.34 2.72 7.67
N TRP A 551 -15.46 2.45 6.38
CA TRP A 551 -16.63 2.72 5.52
C TRP A 551 -17.16 1.41 4.98
N LYS A 552 -18.48 1.26 4.93
CA LYS A 552 -19.13 0.01 4.50
C LYS A 552 -20.17 0.32 3.43
N SER A 553 -20.22 -0.56 2.44
CA SER A 553 -21.14 -0.45 1.30
C SER A 553 -21.94 -1.77 1.15
N ASP A 554 -23.14 -1.68 0.63
CA ASP A 554 -23.89 -2.87 0.16
C ASP A 554 -23.37 -3.40 -1.18
N CYS A 555 -22.53 -2.68 -1.95
CA CYS A 555 -21.94 -3.24 -3.18
C CYS A 555 -20.59 -2.58 -3.51
N THR B 7 -13.29 -0.96 -23.08
CA THR B 7 -12.40 -2.17 -23.02
C THR B 7 -12.46 -2.74 -21.61
N ALA B 8 -13.30 -3.77 -21.37
CA ALA B 8 -13.52 -4.40 -20.05
C ALA B 8 -12.28 -5.23 -19.66
N ILE B 9 -11.77 -5.10 -18.44
CA ILE B 9 -10.59 -5.88 -17.99
C ILE B 9 -10.95 -6.73 -16.77
N ASP B 10 -10.25 -7.85 -16.61
CA ASP B 10 -10.40 -8.75 -15.46
C ASP B 10 -9.13 -8.64 -14.62
N VAL B 11 -9.24 -8.12 -13.40
CA VAL B 11 -8.08 -7.82 -12.50
C VAL B 11 -7.94 -8.90 -11.45
N THR B 12 -8.82 -9.93 -11.40
CA THR B 12 -8.71 -10.99 -10.37
C THR B 12 -8.55 -12.41 -10.94
N GLY B 13 -9.10 -12.71 -12.11
CA GLY B 13 -9.01 -14.06 -12.71
C GLY B 13 -7.88 -14.15 -13.69
N CYS B 14 -7.48 -15.35 -14.11
CA CYS B 14 -6.41 -15.55 -15.10
C CYS B 14 -6.95 -16.24 -16.38
N VAL B 15 -8.27 -16.27 -16.55
CA VAL B 15 -9.05 -16.94 -17.64
C VAL B 15 -8.37 -18.23 -18.09
C1 144 C . 2.42 4.41 3.49
N 144 C . 2.94 5.37 2.48
C2 144 C . 4.42 5.04 2.15
O2 144 C . 4.57 3.70 1.97
C3 144 C . 2.03 5.37 1.23
O3 144 C . 0.63 5.46 1.61
C4 144 C . 3.02 6.74 3.18
O4 144 C . 3.14 7.77 2.22
C1 144 D . 18.84 11.36 -5.48
N 144 D . 20.21 11.79 -5.84
C2 144 D . 21.07 12.02 -4.60
O2 144 D . 20.52 13.07 -3.89
C3 144 D . 20.87 10.75 -6.74
O3 144 D . 21.20 9.59 -6.02
C4 144 D . 20.08 13.09 -6.64
O4 144 D . 19.05 12.94 -7.67
CL CL E . 0.15 8.74 -4.54
CL CL F . -11.67 0.96 20.77
OH2 1PE G . 7.48 9.13 10.07
C12 1PE G . 7.01 8.56 8.85
C22 1PE G . 5.54 8.77 8.66
OH3 1PE G . 5.20 10.16 8.84
C13 1PE G . 4.08 11.96 7.69
C23 1PE G . 3.95 10.55 8.27
OH4 1PE G . 3.71 11.97 6.31
C14 1PE G . 5.64 11.83 5.04
C24 1PE G . 4.57 12.74 5.49
OH5 1PE G . 6.53 12.47 4.14
C15 1PE G . 8.50 11.79 5.22
C25 1PE G . 7.73 11.73 3.95
OH6 1PE G . 9.85 11.41 5.00
C16 1PE G . 9.54 9.17 5.78
C26 1PE G . 10.01 10.04 4.67
OH7 1PE G . 9.31 9.91 6.96
#